data_3TDH
#
_entry.id   3TDH
#
_cell.length_a   94.970
_cell.length_b   242.378
_cell.length_c   79.352
_cell.angle_alpha   90.00
_cell.angle_beta   90.00
_cell.angle_gamma   90.00
#
_symmetry.space_group_name_H-M   'C 2 2 21'
#
loop_
_entity.id
_entity.type
_entity.pdbx_description
1 polymer 'Carbon catabolite-derepressing protein kinase'
2 polymer 'SNF1 protein kinase subunit beta-2'
3 polymer 'Nuclear protein SNF4'
4 non-polymer 'ADENOSINE MONOPHOSPHATE'
5 water water
#
loop_
_entity_poly.entity_id
_entity_poly.type
_entity_poly.pdbx_seq_one_letter_code
_entity_poly.pdbx_strand_id
1 'polypeptide(L)'
;GPMDQYKEEDSTVSILPTSLPQIHRANMLAQGSPAASKISPLVTKKSKTRWHFGIRSRSYPLDVMGEIYIALKNLGAEWA
KPSEEDLWTIKLRWKYDIGNKTNTNEKIPDLMKMVIQLFQIETNNYLVDFKFDGWESSYGDDTTVSNISEDEMSTFSAYP
FLHLTTKLIMELAVNSQSN
;
A
2 'polypeptide(L)'
;MEYTTDIPAVFTDPSVMERYYYTLDRQQSNTDTSWLTPPQLPPQLENVILNKYYATQDQFNENNSGALPIPNHVVLNHLV
TSSIKHNTLCVASIVRYKQKYVTQILYTPIESS
;
B
3 'polypeptide(L)'
;MAKPTQDSQEKVSIEQQLAVESIRKFLNSKTSYDVLPVSYRLIVLDTSLLVKKSLNVLLQNSIVSAPLWDSKTSRFAGLL
TTTDFINVIQYYFSNPDKFELVDKLQLDGLKDIERALGVDQLDTASIHPSRPLFEACLKMLESRSGRIPLIDQDEETHRE
IVVSVLTQYRILKFVALNCRETHFLKIPIGDLNIITQDNMKSCQMTTPVIDVIQMLTQGRVSSVPIIDENGYLINVYEAY
DVLGLIKGGIYNDLSLSVGEALMRRSDDFEGVYTCTKNDKLSTIMDNIRKARVHRFFVVDDVGRLVGVLTLSDILKYILL
GSN
;
C
#
# COMPACT_ATOMS: atom_id res chain seq x y z
N SER A 11 -34.72 6.29 2.32
CA SER A 11 -33.72 7.08 1.53
C SER A 11 -33.73 6.66 0.07
N THR A 12 -33.11 7.49 -0.77
CA THR A 12 -33.00 7.19 -2.19
C THR A 12 -31.56 6.95 -2.62
N VAL A 13 -30.76 6.41 -1.71
CA VAL A 13 -29.38 6.00 -2.00
C VAL A 13 -29.40 4.55 -2.50
N SER A 14 -28.84 4.32 -3.69
CA SER A 14 -28.89 3.02 -4.34
C SER A 14 -27.58 2.63 -5.02
N ILE A 15 -27.45 1.36 -5.33
CA ILE A 15 -26.42 0.92 -6.26
C ILE A 15 -27.05 0.84 -7.64
N LEU A 16 -26.47 1.56 -8.60
CA LEU A 16 -26.91 1.55 -9.98
C LEU A 16 -26.74 0.14 -10.57
N PRO A 17 -27.86 -0.57 -10.83
CA PRO A 17 -27.83 -1.97 -11.27
C PRO A 17 -27.02 -2.22 -12.54
N THR A 18 -27.06 -1.26 -13.48
CA THR A 18 -26.34 -1.40 -14.74
C THR A 18 -24.82 -1.23 -14.60
N SER A 19 -24.37 -0.80 -13.41
CA SER A 19 -22.94 -0.68 -13.11
C SER A 19 -22.34 -2.01 -12.68
N LEU A 20 -23.19 -2.91 -12.20
CA LEU A 20 -22.72 -4.24 -11.76
C LEU A 20 -22.33 -5.08 -12.98
N PRO A 21 -21.17 -5.77 -12.89
CA PRO A 21 -20.54 -6.46 -14.00
C PRO A 21 -21.47 -7.45 -14.72
N GLN A 22 -22.26 -8.19 -13.95
CA GLN A 22 -23.17 -9.19 -14.50
C GLN A 22 -24.25 -8.58 -15.41
N ILE A 23 -24.77 -7.42 -15.04
CA ILE A 23 -25.79 -6.73 -15.86
C ILE A 23 -25.16 -6.01 -17.05
N HIS A 24 -24.00 -5.40 -16.84
CA HIS A 24 -23.30 -4.70 -17.91
C HIS A 24 -22.90 -5.67 -19.03
N ARG A 25 -22.30 -6.80 -18.65
CA ARG A 25 -21.93 -7.86 -19.59
C ARG A 25 -23.14 -8.32 -20.40
N ALA A 26 -24.21 -8.69 -19.69
CA ALA A 26 -25.44 -9.18 -20.32
C ALA A 26 -26.04 -8.18 -21.30
N ASN A 27 -26.01 -6.89 -20.95
CA ASN A 27 -26.52 -5.84 -21.84
C ASN A 27 -25.67 -5.61 -23.09
N MET A 28 -24.37 -5.88 -22.98
CA MET A 28 -23.47 -5.78 -24.12
C MET A 28 -23.65 -6.98 -25.04
N LEU A 29 -23.83 -8.17 -24.45
CA LEU A 29 -24.12 -9.40 -25.19
C LEU A 29 -25.44 -9.32 -25.96
N ALA A 30 -26.48 -8.81 -25.29
CA ALA A 30 -27.82 -8.69 -25.88
C ALA A 30 -27.86 -7.76 -27.09
N GLN A 31 -27.04 -6.72 -27.05
CA GLN A 31 -26.89 -5.80 -28.18
C GLN A 31 -26.24 -6.50 -29.36
N GLY A 32 -25.18 -7.27 -29.09
CA GLY A 32 -24.56 -8.12 -30.11
C GLY A 32 -23.06 -7.96 -30.29
N SER A 33 -22.47 -6.97 -29.60
CA SER A 33 -21.04 -6.66 -29.75
C SER A 33 -20.17 -7.88 -29.45
N PRO A 34 -19.17 -8.16 -30.31
CA PRO A 34 -18.29 -9.33 -30.19
C PRO A 34 -17.45 -9.34 -28.90
N ALA A 35 -17.01 -8.16 -28.47
CA ALA A 35 -16.20 -8.02 -27.26
C ALA A 35 -16.83 -8.68 -26.03
N ALA A 36 -18.16 -8.78 -26.04
CA ALA A 36 -18.91 -9.39 -24.95
C ALA A 36 -18.55 -10.86 -24.75
N SER A 37 -18.31 -11.56 -25.85
CA SER A 37 -17.90 -12.96 -25.80
C SER A 37 -16.41 -13.09 -25.49
N LYS A 38 -15.60 -12.29 -26.19
CA LYS A 38 -14.14 -12.44 -26.17
C LYS A 38 -13.46 -11.91 -24.90
N ILE A 39 -13.87 -10.73 -24.43
CA ILE A 39 -13.27 -10.13 -23.23
C ILE A 39 -13.87 -10.72 -21.96
N SER A 40 -12.99 -11.26 -21.11
CA SER A 40 -13.39 -11.85 -19.84
C SER A 40 -12.98 -10.93 -18.67
N PRO A 41 -13.69 -11.04 -17.53
CA PRO A 41 -13.36 -10.22 -16.36
C PRO A 41 -11.99 -10.55 -15.77
N LEU A 42 -11.34 -9.56 -15.18
CA LEU A 42 -10.05 -9.74 -14.52
C LEU A 42 -10.19 -10.61 -13.28
N VAL A 43 -9.35 -11.64 -13.20
CA VAL A 43 -9.32 -12.53 -12.04
C VAL A 43 -7.92 -12.50 -11.44
N THR A 44 -7.77 -11.75 -10.34
CA THR A 44 -6.49 -11.66 -9.66
C THR A 44 -6.41 -12.71 -8.56
N LYS A 45 -5.67 -13.79 -8.84
CA LYS A 45 -5.47 -14.87 -7.87
C LYS A 45 -4.45 -14.41 -6.82
N LYS A 46 -4.95 -14.09 -5.63
CA LYS A 46 -4.08 -13.70 -4.52
C LYS A 46 -3.67 -14.91 -3.68
N SER A 47 -2.49 -15.44 -3.99
CA SER A 47 -1.93 -16.58 -3.28
C SER A 47 -1.62 -16.25 -1.83
N LYS A 48 -1.91 -17.19 -0.94
CA LYS A 48 -1.62 -17.04 0.48
C LYS A 48 -0.11 -17.17 0.70
N THR A 49 0.57 -16.03 0.79
CA THR A 49 2.01 -15.96 1.02
C THR A 49 2.35 -16.51 2.40
N ARG A 50 3.31 -17.44 2.44
CA ARG A 50 3.85 -17.92 3.71
C ARG A 50 5.03 -17.04 4.12
N TRP A 51 4.92 -16.43 5.29
CA TRP A 51 5.99 -15.61 5.83
C TRP A 51 6.81 -16.37 6.86
N HIS A 52 8.11 -16.08 6.90
CA HIS A 52 9.03 -16.67 7.88
C HIS A 52 9.97 -15.59 8.39
N PHE A 53 10.44 -15.74 9.62
CA PHE A 53 11.56 -14.92 10.10
C PHE A 53 12.86 -15.47 9.51
N GLY A 54 13.68 -14.57 8.97
CA GLY A 54 14.98 -14.91 8.40
C GLY A 54 14.98 -15.95 7.30
N ILE A 55 16.06 -16.72 7.22
CA ILE A 55 16.20 -17.77 6.21
C ILE A 55 16.60 -19.10 6.82
N ARG A 56 16.08 -20.19 6.26
CA ARG A 56 16.39 -21.53 6.70
C ARG A 56 17.60 -22.10 5.95
N SER A 57 18.36 -22.95 6.62
CA SER A 57 19.49 -23.65 5.99
C SER A 57 19.49 -25.11 6.40
N ARG A 58 19.82 -25.98 5.44
CA ARG A 58 19.84 -27.42 5.70
C ARG A 58 21.23 -27.91 6.12
N SER A 59 22.24 -27.07 5.95
CA SER A 59 23.62 -27.39 6.35
C SER A 59 23.77 -27.44 7.88
N TYR A 60 25.01 -27.53 8.36
CA TYR A 60 25.28 -27.64 9.78
C TYR A 60 25.95 -26.37 10.35
N PRO A 61 25.86 -26.14 11.67
CA PRO A 61 26.20 -24.86 12.32
C PRO A 61 27.48 -24.15 11.84
N LEU A 62 28.62 -24.83 11.92
CA LEU A 62 29.90 -24.24 11.54
C LEU A 62 29.97 -23.91 10.06
N ASP A 63 29.35 -24.78 9.24
CA ASP A 63 29.27 -24.57 7.80
C ASP A 63 28.43 -23.32 7.47
N VAL A 64 27.27 -23.20 8.13
CA VAL A 64 26.37 -22.05 7.93
C VAL A 64 27.06 -20.74 8.33
N MET A 65 27.58 -20.71 9.56
CA MET A 65 28.29 -19.53 10.07
C MET A 65 29.42 -19.10 9.14
N GLY A 66 30.10 -20.09 8.55
CA GLY A 66 31.18 -19.83 7.59
C GLY A 66 30.70 -19.16 6.31
N GLU A 67 29.57 -19.64 5.79
CA GLU A 67 28.96 -19.03 4.60
C GLU A 67 28.55 -17.57 4.84
N ILE A 68 28.02 -17.30 6.03
CA ILE A 68 27.55 -15.96 6.38
C ILE A 68 28.73 -14.97 6.45
N TYR A 69 29.75 -15.33 7.23
CA TYR A 69 30.96 -14.50 7.36
C TYR A 69 31.63 -14.22 6.01
N ILE A 70 31.71 -15.23 5.15
CA ILE A 70 32.24 -15.06 3.79
C ILE A 70 31.41 -14.02 3.00
N ALA A 71 30.08 -14.17 3.05
CA ALA A 71 29.18 -13.22 2.40
C ALA A 71 29.33 -11.81 2.98
N LEU A 72 29.40 -11.72 4.31
CA LEU A 72 29.65 -10.46 5.02
C LEU A 72 30.94 -9.78 4.59
N LYS A 73 32.00 -10.57 4.42
CA LYS A 73 33.33 -10.05 4.07
C LYS A 73 33.36 -9.47 2.67
N ASN A 74 32.76 -10.19 1.71
CA ASN A 74 32.71 -9.75 0.31
C ASN A 74 31.80 -8.54 0.07
N LEU A 75 30.87 -8.32 0.99
CA LEU A 75 29.95 -7.20 0.91
C LEU A 75 30.48 -5.95 1.63
N GLY A 76 31.60 -6.13 2.34
CA GLY A 76 32.32 -5.02 2.95
C GLY A 76 31.89 -4.68 4.36
N ALA A 77 31.35 -5.67 5.07
CA ALA A 77 30.97 -5.50 6.46
C ALA A 77 32.12 -5.82 7.41
N GLU A 78 32.05 -5.29 8.63
CA GLU A 78 32.98 -5.60 9.71
C GLU A 78 32.21 -6.15 10.91
N TRP A 79 32.90 -6.84 11.80
CA TRP A 79 32.25 -7.49 12.94
C TRP A 79 33.14 -7.56 14.17
N ALA A 80 32.51 -7.77 15.32
CA ALA A 80 33.22 -7.92 16.59
C ALA A 80 33.68 -9.36 16.76
N LYS A 81 34.78 -9.54 17.50
CA LYS A 81 35.29 -10.87 17.83
C LYS A 81 34.35 -11.55 18.84
N PRO A 82 33.76 -12.69 18.45
CA PRO A 82 32.83 -13.41 19.33
C PRO A 82 33.56 -14.21 20.42
N SER A 83 32.89 -14.37 21.56
CA SER A 83 33.40 -15.16 22.67
C SER A 83 32.77 -16.55 22.67
N GLU A 84 33.20 -17.39 23.60
CA GLU A 84 32.76 -18.79 23.68
C GLU A 84 31.30 -18.96 24.07
N GLU A 85 30.72 -17.95 24.73
CA GLU A 85 29.33 -17.98 25.16
C GLU A 85 28.36 -17.48 24.09
N ASP A 86 28.92 -16.90 23.02
CA ASP A 86 28.12 -16.36 21.92
C ASP A 86 28.77 -16.61 20.55
N LEU A 87 29.15 -17.86 20.31
CA LEU A 87 29.78 -18.28 19.05
C LEU A 87 28.86 -18.11 17.84
N TRP A 88 27.56 -18.28 18.07
CA TRP A 88 26.58 -18.30 16.99
C TRP A 88 25.87 -16.95 16.81
N THR A 89 26.51 -15.90 17.32
CA THR A 89 26.02 -14.54 17.21
C THR A 89 27.04 -13.68 16.48
N ILE A 90 26.57 -12.93 15.50
CA ILE A 90 27.42 -11.98 14.79
C ILE A 90 26.97 -10.56 15.10
N LYS A 91 27.88 -9.78 15.67
CA LYS A 91 27.64 -8.38 15.93
C LYS A 91 28.39 -7.57 14.90
N LEU A 92 27.70 -7.22 13.82
CA LEU A 92 28.33 -6.61 12.65
C LEU A 92 28.01 -5.13 12.48
N ARG A 93 28.78 -4.50 11.61
CA ARG A 93 28.61 -3.10 11.27
C ARG A 93 28.80 -2.97 9.76
N TRP A 94 27.96 -2.16 9.12
CA TRP A 94 27.94 -2.03 7.67
C TRP A 94 27.95 -0.56 7.26
N LYS A 95 28.82 -0.22 6.32
CA LYS A 95 29.10 1.17 5.92
C LYS A 95 27.92 1.86 5.22
N TYR A 96 27.26 1.14 4.32
CA TYR A 96 26.19 1.70 3.48
C TYR A 96 26.70 2.86 2.62
N ILE A 108 25.32 13.00 10.25
CA ILE A 108 24.49 11.85 9.94
C ILE A 108 25.27 10.54 10.14
N PRO A 109 24.74 9.64 11.00
CA PRO A 109 25.40 8.35 11.28
C PRO A 109 25.54 7.48 10.03
N ASP A 110 26.73 6.93 9.82
CA ASP A 110 27.06 6.25 8.57
C ASP A 110 27.04 4.73 8.69
N LEU A 111 27.36 4.20 9.86
CA LEU A 111 27.48 2.76 10.06
C LEU A 111 26.23 2.13 10.67
N MET A 112 25.65 1.18 9.93
CA MET A 112 24.47 0.46 10.41
C MET A 112 24.88 -0.78 11.19
N LYS A 113 24.23 -1.00 12.33
CA LYS A 113 24.50 -2.17 13.16
C LYS A 113 23.44 -3.26 12.96
N MET A 114 23.91 -4.51 12.96
CA MET A 114 23.04 -5.67 12.84
C MET A 114 23.46 -6.76 13.83
N VAL A 115 22.50 -7.55 14.28
CA VAL A 115 22.77 -8.75 15.05
C VAL A 115 22.20 -9.95 14.29
N ILE A 116 23.10 -10.86 13.93
CA ILE A 116 22.71 -12.10 13.27
C ILE A 116 22.87 -13.26 14.24
N GLN A 117 21.79 -14.03 14.41
CA GLN A 117 21.77 -15.14 15.35
C GLN A 117 21.35 -16.43 14.65
N LEU A 118 22.10 -17.50 14.91
CA LEU A 118 21.78 -18.82 14.39
C LEU A 118 20.94 -19.59 15.41
N PHE A 119 19.82 -20.14 14.94
CA PHE A 119 18.96 -20.97 15.76
C PHE A 119 18.82 -22.36 15.20
N GLN A 120 18.54 -23.32 16.08
CA GLN A 120 18.26 -24.68 15.67
C GLN A 120 16.75 -24.91 15.67
N ILE A 121 16.25 -25.46 14.57
CA ILE A 121 14.84 -25.87 14.50
C ILE A 121 14.78 -27.38 14.74
N GLU A 122 15.15 -28.15 13.73
CA GLU A 122 15.25 -29.60 13.85
C GLU A 122 16.72 -30.01 13.78
N THR A 123 16.97 -31.32 13.72
CA THR A 123 18.33 -31.86 13.69
C THR A 123 19.11 -31.42 12.44
N ASN A 124 18.41 -31.34 11.31
CA ASN A 124 19.02 -30.99 10.03
C ASN A 124 18.61 -29.59 9.53
N ASN A 125 17.96 -28.82 10.40
CA ASN A 125 17.32 -27.56 10.01
C ASN A 125 17.67 -26.38 10.92
N TYR A 126 18.26 -25.34 10.34
CA TYR A 126 18.67 -24.16 11.10
C TYR A 126 18.11 -22.87 10.50
N LEU A 127 17.81 -21.92 11.38
CA LEU A 127 17.27 -20.63 10.97
C LEU A 127 18.27 -19.51 11.26
N VAL A 128 18.50 -18.67 10.27
CA VAL A 128 19.35 -17.49 10.42
C VAL A 128 18.45 -16.27 10.67
N ASP A 129 18.61 -15.66 11.84
CA ASP A 129 17.81 -14.51 12.25
C ASP A 129 18.62 -13.22 12.09
N PHE A 130 18.00 -12.22 11.48
CA PHE A 130 18.63 -10.92 11.23
C PHE A 130 17.88 -9.84 12.00
N LYS A 131 18.62 -9.02 12.74
CA LYS A 131 18.01 -7.96 13.54
C LYS A 131 18.74 -6.64 13.34
N PHE A 132 17.97 -5.58 13.08
CA PHE A 132 18.49 -4.21 13.02
C PHE A 132 18.85 -3.76 14.42
N ASP A 133 20.03 -3.15 14.56
CA ASP A 133 20.57 -2.82 15.89
C ASP A 133 20.95 -1.35 16.06
N GLY A 134 20.53 -0.50 15.12
CA GLY A 134 20.74 0.94 15.23
C GLY A 134 21.82 1.49 14.32
N TRP A 135 22.25 2.71 14.61
CA TRP A 135 23.28 3.38 13.80
C TRP A 135 24.44 3.85 14.68
N GLU A 136 25.62 3.93 14.07
CA GLU A 136 26.80 4.51 14.71
C GLU A 136 27.56 5.39 13.72
N SER A 137 28.23 6.42 14.23
CA SER A 137 28.98 7.36 13.40
C SER A 137 30.46 6.97 13.31
N SER A 154 11.18 4.20 18.42
CA SER A 154 9.81 4.72 18.43
C SER A 154 9.44 5.44 17.13
N THR A 155 10.46 5.78 16.34
CA THR A 155 10.27 6.50 15.08
C THR A 155 11.48 6.23 14.17
N PHE A 156 11.39 5.20 13.33
CA PHE A 156 12.49 4.90 12.41
C PHE A 156 12.12 4.04 11.19
N SER A 157 12.96 4.10 10.18
CA SER A 157 12.78 3.35 8.94
C SER A 157 13.67 2.11 8.90
N ALA A 158 13.04 0.97 8.61
CA ALA A 158 13.77 -0.29 8.45
C ALA A 158 14.25 -0.49 7.02
N TYR A 159 13.87 0.42 6.11
CA TYR A 159 14.13 0.21 4.68
C TYR A 159 15.60 0.15 4.28
N PRO A 160 16.48 0.96 4.89
CA PRO A 160 17.91 0.75 4.66
C PRO A 160 18.37 -0.63 5.17
N PHE A 161 17.84 -1.06 6.30
CA PHE A 161 18.12 -2.38 6.85
C PHE A 161 17.60 -3.48 5.93
N LEU A 162 16.36 -3.32 5.46
CA LEU A 162 15.73 -4.29 4.57
C LEU A 162 16.47 -4.41 3.24
N HIS A 163 16.95 -3.28 2.72
CA HIS A 163 17.70 -3.26 1.47
C HIS A 163 19.02 -4.03 1.59
N LEU A 164 19.73 -3.84 2.69
CA LEU A 164 21.01 -4.51 2.91
C LEU A 164 20.85 -6.01 3.10
N THR A 165 19.81 -6.43 3.82
CA THR A 165 19.53 -7.85 4.00
C THR A 165 19.21 -8.53 2.68
N THR A 166 18.55 -7.80 1.78
CA THR A 166 18.26 -8.27 0.42
C THR A 166 19.55 -8.60 -0.33
N LYS A 167 20.56 -7.74 -0.20
CA LYS A 167 21.90 -7.99 -0.75
C LYS A 167 22.54 -9.22 -0.13
N LEU A 168 22.43 -9.33 1.20
CA LEU A 168 23.03 -10.43 1.95
C LEU A 168 22.41 -11.78 1.58
N ILE A 169 21.09 -11.84 1.50
CA ILE A 169 20.35 -13.05 1.11
C ILE A 169 20.71 -13.49 -0.32
N MET A 170 20.91 -12.52 -1.20
CA MET A 170 21.28 -12.80 -2.60
C MET A 170 22.73 -13.28 -2.73
N GLU A 171 23.63 -12.66 -1.97
CA GLU A 171 25.02 -13.08 -1.92
C GLU A 171 25.13 -14.53 -1.42
N LEU A 172 24.34 -14.86 -0.41
CA LEU A 172 24.31 -16.21 0.15
C LEU A 172 23.73 -17.24 -0.83
N ALA A 173 22.70 -16.83 -1.57
CA ALA A 173 22.03 -17.72 -2.53
C ALA A 173 22.90 -18.09 -3.71
N VAL A 174 23.80 -17.18 -4.09
CA VAL A 174 24.76 -17.40 -5.18
C VAL A 174 25.82 -18.42 -4.76
N ASN A 175 26.41 -18.21 -3.59
CA ASN A 175 27.47 -19.06 -3.05
C ASN A 175 27.02 -20.51 -2.79
N SER A 176 25.71 -20.70 -2.62
CA SER A 176 25.11 -22.03 -2.45
C SER A 176 25.08 -22.80 -3.77
N MET B 1 33.41 -1.84 21.66
CA MET B 1 33.85 -3.10 21.00
C MET B 1 34.73 -2.82 19.79
N GLU B 2 35.72 -3.68 19.56
CA GLU B 2 36.63 -3.56 18.43
C GLU B 2 36.08 -4.32 17.22
N TYR B 3 36.19 -3.70 16.04
CA TYR B 3 35.65 -4.29 14.81
C TYR B 3 36.76 -4.59 13.81
N THR B 4 36.63 -5.74 13.15
CA THR B 4 37.61 -6.20 12.17
C THR B 4 36.94 -6.97 11.03
N THR B 5 37.65 -7.14 9.92
CA THR B 5 37.18 -7.95 8.80
C THR B 5 37.79 -9.35 8.79
N ASP B 6 38.33 -9.76 9.94
CA ASP B 6 38.95 -11.09 10.05
C ASP B 6 37.95 -12.12 10.54
N ILE B 7 37.66 -13.10 9.70
CA ILE B 7 36.71 -14.17 10.03
C ILE B 7 37.23 -14.96 11.23
N PRO B 8 36.40 -15.09 12.29
CA PRO B 8 36.76 -15.83 13.50
C PRO B 8 37.32 -17.20 13.18
N ALA B 9 38.44 -17.54 13.83
CA ALA B 9 39.21 -18.75 13.54
C ALA B 9 38.40 -20.04 13.68
N VAL B 10 37.38 -20.03 14.54
CA VAL B 10 36.52 -21.19 14.77
C VAL B 10 35.75 -21.64 13.52
N PHE B 11 35.63 -20.77 12.52
CA PHE B 11 34.90 -21.10 11.30
C PHE B 11 35.80 -21.31 10.07
N THR B 12 37.11 -21.12 10.25
CA THR B 12 38.08 -21.33 9.17
C THR B 12 39.19 -22.33 9.53
N ASP B 13 39.29 -22.68 10.81
CA ASP B 13 40.34 -23.58 11.29
C ASP B 13 39.76 -24.68 12.19
N PRO B 14 39.82 -25.95 11.74
CA PRO B 14 39.31 -27.09 12.50
C PRO B 14 39.91 -27.23 13.90
N SER B 15 41.13 -26.73 14.10
CA SER B 15 41.83 -26.81 15.38
C SER B 15 41.07 -26.16 16.54
N VAL B 16 40.41 -25.04 16.25
CA VAL B 16 39.75 -24.24 17.27
C VAL B 16 38.56 -24.96 17.92
N MET B 17 37.62 -25.44 17.09
CA MET B 17 36.47 -26.19 17.59
C MET B 17 36.88 -27.52 18.23
N GLU B 18 37.91 -28.16 17.65
CA GLU B 18 38.48 -29.38 18.21
C GLU B 18 38.97 -29.16 19.63
N ARG B 19 39.72 -28.07 19.83
CA ARG B 19 40.22 -27.67 21.15
C ARG B 19 39.08 -27.53 22.16
N TYR B 20 37.96 -26.95 21.73
CA TYR B 20 36.77 -26.81 22.58
C TYR B 20 36.20 -28.17 23.00
N TYR B 21 36.08 -29.09 22.04
CA TYR B 21 35.58 -30.44 22.31
C TYR B 21 36.42 -31.17 23.36
N TYR B 22 37.74 -31.11 23.20
CA TYR B 22 38.65 -31.89 24.04
C TYR B 22 38.91 -31.31 25.42
N THR B 23 38.88 -29.97 25.54
CA THR B 23 39.06 -29.33 26.84
C THR B 23 37.73 -29.23 27.60
N LEU B 24 37.01 -30.35 27.67
CA LEU B 24 35.70 -30.42 28.33
C LEU B 24 35.79 -30.31 29.85
N ASP B 25 34.64 -30.05 30.49
CA ASP B 25 34.56 -29.95 31.94
C ASP B 25 33.44 -30.84 32.49
N THR B 33 27.96 -26.74 28.34
CA THR B 33 27.64 -27.75 27.34
C THR B 33 26.86 -27.15 26.16
N SER B 34 25.91 -26.28 26.47
CA SER B 34 24.98 -25.73 25.47
C SER B 34 25.64 -24.75 24.49
N TRP B 35 26.76 -24.15 24.88
CA TRP B 35 27.44 -23.14 24.06
C TRP B 35 28.10 -23.69 22.78
N LEU B 36 28.24 -25.01 22.72
CA LEU B 36 28.85 -25.67 21.56
C LEU B 36 27.83 -25.87 20.44
N THR B 37 26.57 -25.59 20.73
CA THR B 37 25.46 -25.75 19.79
C THR B 37 24.62 -24.47 19.78
N PRO B 38 24.15 -24.03 18.60
CA PRO B 38 23.24 -22.90 18.51
C PRO B 38 21.96 -23.13 19.32
N PRO B 39 21.41 -22.07 19.95
CA PRO B 39 20.19 -22.19 20.74
C PRO B 39 18.99 -22.66 19.92
N GLN B 40 18.05 -23.32 20.57
CA GLN B 40 16.79 -23.72 19.93
C GLN B 40 15.97 -22.47 19.59
N LEU B 41 15.26 -22.53 18.47
CA LEU B 41 14.43 -21.41 18.02
C LEU B 41 13.36 -21.07 19.06
N PRO B 42 13.32 -19.79 19.50
CA PRO B 42 12.28 -19.33 20.42
C PRO B 42 10.89 -19.44 19.79
N PRO B 43 9.87 -19.77 20.61
CA PRO B 43 8.50 -19.95 20.10
C PRO B 43 7.93 -18.70 19.42
N GLN B 44 8.43 -17.52 19.79
CA GLN B 44 7.99 -16.25 19.22
C GLN B 44 8.35 -16.10 17.73
N LEU B 45 9.42 -16.75 17.31
CA LEU B 45 9.91 -16.66 15.94
C LEU B 45 9.40 -17.78 15.03
N GLU B 46 8.51 -18.62 15.55
CA GLU B 46 7.93 -19.72 14.76
C GLU B 46 6.95 -19.19 13.71
N ASN B 47 6.97 -19.81 12.53
CA ASN B 47 6.24 -19.30 11.36
C ASN B 47 4.72 -19.45 11.43
N VAL B 48 4.22 -20.30 12.32
CA VAL B 48 2.78 -20.44 12.52
C VAL B 48 2.21 -19.25 13.30
N ILE B 49 2.97 -18.76 14.28
CA ILE B 49 2.61 -17.59 15.07
C ILE B 49 2.67 -16.30 14.22
N LEU B 50 3.68 -16.22 13.35
CA LEU B 50 3.84 -15.07 12.46
C LEU B 50 2.69 -14.92 11.45
N ASN B 51 2.27 -16.02 10.85
CA ASN B 51 1.22 -15.99 9.82
C ASN B 51 -0.20 -15.89 10.37
N LYS B 52 -0.41 -16.36 11.60
CA LYS B 52 -1.68 -16.16 12.30
C LYS B 52 -1.86 -14.69 12.64
N TYR B 53 -0.75 -14.05 13.00
CA TYR B 53 -0.69 -12.61 13.22
C TYR B 53 -1.12 -11.84 11.96
N TYR B 54 -0.65 -12.29 10.80
CA TYR B 54 -1.06 -11.77 9.50
C TYR B 54 -2.54 -12.07 9.21
N ALA B 55 -2.98 -13.27 9.54
CA ALA B 55 -4.35 -13.72 9.28
C ALA B 55 -5.38 -13.01 10.17
N THR B 56 -4.96 -12.62 11.37
CA THR B 56 -5.81 -11.86 12.30
C THR B 56 -5.99 -10.41 11.80
N GLN B 57 -4.92 -9.85 11.24
CA GLN B 57 -4.97 -8.55 10.55
C GLN B 57 -5.89 -8.60 9.33
N ASP B 58 -5.85 -9.73 8.62
CA ASP B 58 -6.68 -9.93 7.43
C ASP B 58 -8.15 -10.18 7.78
N GLN B 59 -8.40 -10.96 8.84
CA GLN B 59 -9.76 -11.27 9.28
C GLN B 59 -10.54 -10.05 9.77
N PHE B 60 -9.81 -9.10 10.37
CA PHE B 60 -10.39 -7.84 10.83
C PHE B 60 -10.78 -6.91 9.66
N ASN B 61 -10.00 -6.99 8.58
CA ASN B 61 -10.15 -6.09 7.43
C ASN B 61 -10.97 -6.67 6.26
N GLU B 62 -11.18 -7.98 6.27
CA GLU B 62 -11.99 -8.65 5.24
C GLU B 62 -13.37 -9.05 5.74
N ASN B 63 -13.43 -9.48 7.00
CA ASN B 63 -14.66 -10.05 7.57
C ASN B 63 -15.15 -9.33 8.83
N ASN B 64 -14.39 -8.31 9.26
CA ASN B 64 -14.67 -7.56 10.50
C ASN B 64 -14.92 -8.49 11.71
N SER B 65 -14.02 -9.46 11.89
CA SER B 65 -14.17 -10.48 12.91
C SER B 65 -13.01 -10.48 13.91
N GLY B 66 -13.32 -10.17 15.16
CA GLY B 66 -12.34 -10.16 16.24
C GLY B 66 -11.74 -8.79 16.50
N ALA B 67 -10.44 -8.77 16.86
CA ALA B 67 -9.72 -7.55 17.17
C ALA B 67 -8.35 -7.53 16.49
N LEU B 68 -7.74 -6.35 16.42
CA LEU B 68 -6.46 -6.16 15.75
C LEU B 68 -5.29 -6.68 16.59
N PRO B 69 -4.40 -7.49 15.97
CA PRO B 69 -3.34 -8.19 16.71
C PRO B 69 -2.13 -7.33 17.03
N ILE B 70 -1.80 -7.23 18.31
CA ILE B 70 -0.55 -6.61 18.74
C ILE B 70 0.57 -7.66 18.64
N PRO B 71 1.68 -7.31 17.97
CA PRO B 71 2.80 -8.24 17.87
C PRO B 71 3.59 -8.35 19.16
N ASN B 72 4.24 -9.49 19.37
CA ASN B 72 5.16 -9.67 20.48
C ASN B 72 6.37 -8.77 20.33
N HIS B 73 6.79 -8.13 21.42
CA HIS B 73 7.90 -7.17 21.40
C HIS B 73 9.25 -7.81 21.05
N VAL B 74 9.32 -9.12 21.18
CA VAL B 74 10.53 -9.90 20.85
C VAL B 74 10.87 -9.81 19.36
N VAL B 75 9.85 -9.86 18.50
CA VAL B 75 10.05 -9.98 17.05
C VAL B 75 10.28 -8.66 16.33
N LEU B 76 10.21 -7.55 17.08
CA LEU B 76 10.39 -6.21 16.52
C LEU B 76 11.80 -6.04 15.97
N ASN B 77 11.89 -5.42 14.79
CA ASN B 77 13.18 -5.14 14.12
C ASN B 77 13.90 -6.39 13.59
N HIS B 78 13.21 -7.53 13.61
CA HIS B 78 13.72 -8.76 13.00
C HIS B 78 13.23 -8.89 11.56
N LEU B 79 14.07 -9.43 10.70
CA LEU B 79 13.75 -9.60 9.29
C LEU B 79 12.71 -10.68 9.04
N VAL B 80 11.72 -10.35 8.23
CA VAL B 80 10.73 -11.31 7.75
C VAL B 80 10.94 -11.50 6.24
N THR B 81 10.80 -12.74 5.77
CA THR B 81 11.05 -13.06 4.37
C THR B 81 9.94 -13.94 3.82
N SER B 82 9.90 -14.04 2.49
CA SER B 82 9.01 -14.95 1.79
C SER B 82 9.78 -15.54 0.60
N SER B 83 9.20 -16.56 -0.03
CA SER B 83 9.79 -17.15 -1.24
C SER B 83 9.87 -16.11 -2.36
N ILE B 84 10.95 -16.16 -3.13
CA ILE B 84 11.10 -15.34 -4.33
C ILE B 84 10.06 -15.74 -5.37
N LYS B 85 9.28 -14.76 -5.84
CA LYS B 85 8.38 -14.96 -6.96
C LYS B 85 8.56 -13.86 -7.99
N HIS B 86 8.56 -14.25 -9.27
CA HIS B 86 8.73 -13.33 -10.40
C HIS B 86 10.01 -12.50 -10.30
N ASN B 87 11.09 -13.14 -9.87
CA ASN B 87 12.40 -12.51 -9.63
C ASN B 87 12.37 -11.27 -8.73
N THR B 88 11.43 -11.27 -7.79
CA THR B 88 11.24 -10.17 -6.85
C THR B 88 11.38 -10.72 -5.44
N LEU B 89 12.25 -10.11 -4.64
CA LEU B 89 12.34 -10.44 -3.23
C LEU B 89 11.44 -9.52 -2.43
N CYS B 90 10.59 -10.12 -1.60
CA CYS B 90 9.73 -9.38 -0.70
C CYS B 90 10.16 -9.65 0.74
N VAL B 91 10.69 -8.62 1.39
CA VAL B 91 11.09 -8.70 2.79
C VAL B 91 10.31 -7.69 3.64
N ALA B 92 10.31 -7.90 4.94
CA ALA B 92 9.56 -7.06 5.86
C ALA B 92 10.21 -6.98 7.24
N SER B 93 9.74 -6.02 8.04
CA SER B 93 10.14 -5.91 9.44
C SER B 93 9.07 -5.16 10.23
N ILE B 94 8.67 -5.73 11.36
CA ILE B 94 7.70 -5.12 12.24
C ILE B 94 8.41 -4.13 13.17
N VAL B 95 8.09 -2.85 13.03
CA VAL B 95 8.68 -1.80 13.84
C VAL B 95 7.63 -0.98 14.62
N ARG B 96 8.09 -0.31 15.67
CA ARG B 96 7.23 0.54 16.48
C ARG B 96 7.19 1.96 15.92
N TYR B 97 5.97 2.48 15.76
CA TYR B 97 5.80 3.92 15.57
C TYR B 97 4.92 4.45 16.69
N LYS B 98 5.55 5.20 17.60
CA LYS B 98 4.93 5.64 18.85
C LYS B 98 4.38 4.43 19.61
N GLN B 99 3.06 4.34 19.76
CA GLN B 99 2.43 3.20 20.43
C GLN B 99 1.77 2.26 19.44
N LYS B 100 2.11 2.41 18.17
CA LYS B 100 1.52 1.58 17.12
C LYS B 100 2.58 0.75 16.40
N TYR B 101 2.14 -0.18 15.58
CA TYR B 101 3.05 -1.14 14.97
C TYR B 101 2.89 -1.18 13.45
N VAL B 102 3.98 -0.90 12.76
CA VAL B 102 4.00 -0.89 11.30
C VAL B 102 4.84 -2.04 10.75
N THR B 103 4.18 -2.99 10.08
CA THR B 103 4.91 -3.99 9.31
C THR B 103 5.37 -3.32 8.00
N GLN B 104 6.64 -2.94 7.97
CA GLN B 104 7.25 -2.28 6.80
C GLN B 104 7.72 -3.30 5.76
N ILE B 105 7.00 -3.35 4.63
CA ILE B 105 7.24 -4.31 3.57
C ILE B 105 7.95 -3.66 2.37
N LEU B 106 8.96 -4.35 1.84
CA LEU B 106 9.72 -3.87 0.69
C LEU B 106 9.74 -4.90 -0.47
N TYR B 107 9.38 -4.44 -1.66
CA TYR B 107 9.53 -5.24 -2.89
C TYR B 107 10.73 -4.71 -3.70
N THR B 108 11.66 -5.61 -3.99
CA THR B 108 12.89 -5.28 -4.74
C THR B 108 13.19 -6.36 -5.77
N PRO B 109 13.59 -5.96 -7.00
CA PRO B 109 13.97 -6.96 -8.01
C PRO B 109 15.31 -7.62 -7.70
N ILE B 110 15.43 -8.91 -8.01
CA ILE B 110 16.69 -9.65 -7.83
C ILE B 110 17.28 -10.11 -9.16
N GLU B 111 18.39 -10.85 -9.09
CA GLU B 111 19.02 -11.45 -10.27
C GLU B 111 19.27 -12.95 -10.07
N ASP C 7 -40.72 26.70 12.41
CA ASP C 7 -41.02 25.78 13.54
C ASP C 7 -40.29 24.44 13.42
N SER C 8 -40.50 23.75 12.29
CA SER C 8 -39.87 22.45 12.06
C SER C 8 -38.54 22.58 11.30
N GLN C 9 -38.50 23.50 10.33
CA GLN C 9 -37.27 23.79 9.59
C GLN C 9 -36.22 24.53 10.43
N GLU C 10 -36.67 25.13 11.53
CA GLU C 10 -35.78 25.81 12.47
C GLU C 10 -35.04 24.78 13.32
N LYS C 11 -35.75 23.71 13.69
CA LYS C 11 -35.20 22.63 14.50
C LYS C 11 -34.19 21.79 13.71
N VAL C 12 -34.56 21.40 12.49
CA VAL C 12 -33.67 20.64 11.60
C VAL C 12 -32.35 21.38 11.41
N SER C 13 -32.46 22.69 11.14
CA SER C 13 -31.31 23.57 10.92
C SER C 13 -30.33 23.63 12.11
N ILE C 14 -30.85 23.81 13.32
CA ILE C 14 -29.98 23.95 14.50
C ILE C 14 -29.33 22.62 14.91
N GLU C 15 -30.05 21.52 14.71
CA GLU C 15 -29.50 20.19 14.96
C GLU C 15 -28.38 19.85 13.98
N GLN C 16 -28.56 20.27 12.73
CA GLN C 16 -27.50 20.14 11.71
C GLN C 16 -26.25 20.92 12.14
N GLN C 17 -26.45 22.16 12.58
CA GLN C 17 -25.38 23.01 13.08
C GLN C 17 -24.63 22.37 14.26
N LEU C 18 -25.38 21.83 15.21
CA LEU C 18 -24.79 21.15 16.37
C LEU C 18 -23.94 19.93 15.97
N ALA C 19 -24.49 19.11 15.08
CA ALA C 19 -23.77 17.95 14.57
C ALA C 19 -22.45 18.36 13.88
N VAL C 20 -22.52 19.39 13.05
CA VAL C 20 -21.34 19.89 12.32
C VAL C 20 -20.27 20.47 13.25
N GLU C 21 -20.67 21.34 14.17
CA GLU C 21 -19.77 21.87 15.20
C GLU C 21 -19.09 20.75 15.96
N SER C 22 -19.84 19.68 16.22
CA SER C 22 -19.32 18.51 16.92
C SER C 22 -18.29 17.76 16.09
N ILE C 23 -18.58 17.56 14.80
CA ILE C 23 -17.65 16.91 13.87
C ILE C 23 -16.35 17.72 13.81
N ARG C 24 -16.49 19.04 13.66
CA ARG C 24 -15.32 19.91 13.51
C ARG C 24 -14.41 19.89 14.74
N LYS C 25 -15.02 19.85 15.93
CA LYS C 25 -14.27 19.74 17.18
C LYS C 25 -13.49 18.42 17.25
N PHE C 26 -14.17 17.33 16.89
CA PHE C 26 -13.53 16.03 16.76
C PHE C 26 -12.29 16.10 15.87
N LEU C 27 -12.45 16.66 14.67
CA LEU C 27 -11.34 16.81 13.74
C LEU C 27 -10.22 17.70 14.30
N ASN C 28 -10.61 18.74 15.05
CA ASN C 28 -9.64 19.61 15.72
C ASN C 28 -8.94 19.00 16.92
N SER C 29 -9.50 17.91 17.45
CA SER C 29 -8.98 17.30 18.69
C SER C 29 -8.19 16.03 18.44
N LYS C 30 -8.27 15.52 17.21
CA LYS C 30 -7.59 14.30 16.82
C LYS C 30 -6.41 14.63 15.91
N THR C 31 -5.45 13.73 15.87
CA THR C 31 -4.30 13.86 14.98
C THR C 31 -4.45 12.83 13.86
N SER C 32 -3.64 12.96 12.83
CA SER C 32 -3.59 11.94 11.78
C SER C 32 -3.08 10.62 12.34
N TYR C 33 -2.18 10.70 13.32
CA TYR C 33 -1.70 9.52 14.04
C TYR C 33 -2.85 8.69 14.61
N ASP C 34 -3.85 9.38 15.18
CA ASP C 34 -5.03 8.72 15.78
C ASP C 34 -5.83 7.86 14.81
N VAL C 35 -5.83 8.23 13.53
CA VAL C 35 -6.55 7.49 12.49
C VAL C 35 -5.97 6.09 12.27
N LEU C 36 -4.67 5.92 12.52
CA LEU C 36 -3.97 4.67 12.29
C LEU C 36 -4.46 3.54 13.19
N PRO C 37 -4.59 2.32 12.61
CA PRO C 37 -4.83 1.11 13.39
C PRO C 37 -3.64 0.83 14.29
N VAL C 38 -3.87 0.09 15.38
CA VAL C 38 -2.79 -0.23 16.33
C VAL C 38 -1.68 -1.06 15.67
N SER C 39 -2.05 -1.93 14.73
CA SER C 39 -1.06 -2.63 13.91
C SER C 39 -1.54 -2.72 12.47
N TYR C 40 -0.67 -2.36 11.53
CA TYR C 40 -1.03 -2.31 10.11
C TYR C 40 0.21 -2.53 9.24
N ARG C 41 -0.02 -2.72 7.94
CA ARG C 41 1.07 -3.01 6.99
C ARG C 41 1.32 -1.84 6.02
N LEU C 42 2.60 -1.63 5.71
CA LEU C 42 3.00 -0.60 4.77
C LEU C 42 3.80 -1.20 3.61
N ILE C 43 3.20 -1.19 2.42
CA ILE C 43 3.84 -1.76 1.24
C ILE C 43 4.58 -0.69 0.45
N VAL C 44 5.89 -0.87 0.36
CA VAL C 44 6.79 0.07 -0.32
C VAL C 44 7.54 -0.64 -1.46
N LEU C 45 7.68 0.06 -2.59
CA LEU C 45 8.34 -0.51 -3.76
C LEU C 45 9.67 0.16 -4.04
N ASP C 46 10.70 -0.63 -4.26
CA ASP C 46 12.00 -0.12 -4.73
C ASP C 46 11.80 0.46 -6.13
N THR C 47 12.41 1.61 -6.39
CA THR C 47 12.21 2.33 -7.66
C THR C 47 12.74 1.62 -8.90
N SER C 48 13.63 0.65 -8.71
CA SER C 48 14.19 -0.09 -9.85
C SER C 48 13.30 -1.27 -10.27
N LEU C 49 12.24 -1.52 -9.49
CA LEU C 49 11.23 -2.51 -9.85
C LEU C 49 10.50 -2.09 -11.11
N LEU C 50 10.17 -3.07 -11.95
CA LEU C 50 9.39 -2.85 -13.16
C LEU C 50 7.99 -2.35 -12.86
N VAL C 51 7.49 -1.47 -13.72
CA VAL C 51 6.13 -0.93 -13.64
C VAL C 51 5.06 -2.03 -13.68
N LYS C 52 5.20 -2.97 -14.61
CA LYS C 52 4.20 -4.03 -14.76
C LYS C 52 4.18 -5.00 -13.57
N LYS C 53 5.30 -5.13 -12.85
CA LYS C 53 5.34 -5.95 -11.64
C LYS C 53 4.74 -5.18 -10.47
N SER C 54 4.99 -3.87 -10.45
CA SER C 54 4.40 -2.98 -9.45
C SER C 54 2.88 -3.01 -9.54
N LEU C 55 2.36 -3.04 -10.78
CA LEU C 55 0.93 -3.21 -11.02
C LEU C 55 0.39 -4.51 -10.39
N ASN C 56 1.12 -5.60 -10.57
CA ASN C 56 0.74 -6.89 -9.98
C ASN C 56 0.78 -6.87 -8.45
N VAL C 57 1.80 -6.22 -7.89
CA VAL C 57 1.90 -6.04 -6.45
C VAL C 57 0.66 -5.32 -5.89
N LEU C 58 0.26 -4.23 -6.54
CA LEU C 58 -0.95 -3.50 -6.15
C LEU C 58 -2.22 -4.38 -6.21
N LEU C 59 -2.42 -5.08 -7.33
CA LEU C 59 -3.60 -5.94 -7.51
C LEU C 59 -3.63 -7.11 -6.55
N GLN C 60 -2.48 -7.74 -6.32
CA GLN C 60 -2.35 -8.85 -5.37
C GLN C 60 -2.64 -8.45 -3.93
N ASN C 61 -2.37 -7.19 -3.61
CA ASN C 61 -2.51 -6.70 -2.24
C ASN C 61 -3.76 -5.85 -1.99
N SER C 62 -4.62 -5.77 -3.00
CA SER C 62 -5.87 -4.98 -2.93
C SER C 62 -5.64 -3.52 -2.53
N ILE C 63 -4.61 -2.91 -3.10
CA ILE C 63 -4.33 -1.48 -2.89
C ILE C 63 -4.21 -0.77 -4.24
N VAL C 64 -4.24 0.57 -4.20
CA VAL C 64 -4.19 1.38 -5.42
C VAL C 64 -3.05 2.41 -5.39
N SER C 65 -2.28 2.42 -4.30
CA SER C 65 -1.10 3.29 -4.19
C SER C 65 -0.01 2.62 -3.36
N ALA C 66 1.22 3.03 -3.58
CA ALA C 66 2.36 2.54 -2.80
C ALA C 66 3.49 3.56 -2.79
N PRO C 67 4.04 3.86 -1.60
CA PRO C 67 5.22 4.73 -1.55
C PRO C 67 6.41 4.09 -2.26
N LEU C 68 7.28 4.93 -2.80
CA LEU C 68 8.45 4.47 -3.51
C LEU C 68 9.70 4.77 -2.70
N TRP C 69 10.70 3.89 -2.85
CA TRP C 69 11.94 3.99 -2.11
C TRP C 69 13.12 3.88 -3.06
N ASP C 70 13.96 4.92 -3.06
CA ASP C 70 15.20 4.94 -3.85
C ASP C 70 16.34 4.36 -3.02
N SER C 71 16.74 3.13 -3.36
CA SER C 71 17.81 2.42 -2.64
C SER C 71 19.20 2.99 -2.90
N LYS C 72 19.31 3.88 -3.89
CA LYS C 72 20.58 4.52 -4.22
C LYS C 72 20.84 5.64 -3.22
N THR C 73 19.86 6.54 -3.10
CA THR C 73 19.96 7.74 -2.26
C THR C 73 19.38 7.54 -0.87
N SER C 74 18.87 6.33 -0.61
CA SER C 74 18.22 5.99 0.67
C SER C 74 17.17 7.00 1.11
N ARG C 75 16.28 7.35 0.19
CA ARG C 75 15.19 8.26 0.51
C ARG C 75 13.93 7.89 -0.24
N PHE C 76 12.81 8.39 0.24
CA PHE C 76 11.52 8.12 -0.37
C PHE C 76 11.31 8.96 -1.61
N ALA C 77 10.67 8.38 -2.62
CA ALA C 77 10.61 8.98 -3.95
C ALA C 77 9.18 9.26 -4.42
N GLY C 78 8.27 9.43 -3.47
CA GLY C 78 6.89 9.76 -3.78
C GLY C 78 5.95 8.57 -3.79
N LEU C 79 4.72 8.82 -4.22
CA LEU C 79 3.65 7.83 -4.26
C LEU C 79 3.32 7.37 -5.68
N LEU C 80 3.36 6.06 -5.91
CA LEU C 80 2.80 5.47 -7.12
C LEU C 80 1.27 5.48 -7.00
N THR C 81 0.60 6.05 -8.01
CA THR C 81 -0.87 6.11 -8.02
C THR C 81 -1.42 5.81 -9.41
N THR C 82 -2.75 5.78 -9.52
CA THR C 82 -3.42 5.60 -10.80
C THR C 82 -3.02 6.65 -11.85
N THR C 83 -2.58 7.81 -11.39
CA THR C 83 -2.12 8.89 -12.29
C THR C 83 -0.88 8.45 -13.07
N ASP C 84 0.09 7.87 -12.37
CA ASP C 84 1.28 7.30 -13.01
C ASP C 84 0.94 6.29 -14.10
N PHE C 85 -0.09 5.47 -13.86
CA PHE C 85 -0.54 4.48 -14.83
C PHE C 85 -1.29 5.12 -16.01
N ILE C 86 -2.01 6.22 -15.74
CA ILE C 86 -2.64 7.01 -16.81
C ILE C 86 -1.56 7.55 -17.75
N ASN C 87 -0.49 8.07 -17.16
CA ASN C 87 0.63 8.59 -17.92
C ASN C 87 1.20 7.55 -18.88
N VAL C 88 1.39 6.33 -18.38
CA VAL C 88 1.92 5.22 -19.16
C VAL C 88 1.03 4.85 -20.35
N ILE C 89 -0.28 4.69 -20.11
CA ILE C 89 -1.20 4.38 -21.21
C ILE C 89 -1.25 5.49 -22.26
N GLN C 90 -1.27 6.74 -21.80
CA GLN C 90 -1.27 7.90 -22.69
C GLN C 90 0.01 7.94 -23.54
N TYR C 91 1.15 7.69 -22.90
CA TYR C 91 2.43 7.63 -23.60
C TYR C 91 2.46 6.52 -24.65
N TYR C 92 1.98 5.34 -24.28
CA TYR C 92 1.96 4.22 -25.22
C TYR C 92 1.03 4.46 -26.40
N PHE C 93 -0.15 5.03 -26.14
CA PHE C 93 -1.12 5.35 -27.18
C PHE C 93 -0.55 6.32 -28.21
N SER C 94 0.22 7.30 -27.73
CA SER C 94 0.89 8.27 -28.58
C SER C 94 2.17 7.73 -29.23
N ASN C 95 2.75 6.69 -28.64
CA ASN C 95 3.97 6.06 -29.14
C ASN C 95 3.85 4.54 -29.23
N PRO C 96 2.87 4.02 -29.99
CA PRO C 96 2.66 2.56 -29.99
C PRO C 96 3.83 1.75 -30.56
N ASP C 97 4.83 2.43 -31.13
CA ASP C 97 6.05 1.80 -31.59
C ASP C 97 7.01 1.48 -30.43
N LYS C 98 6.78 2.09 -29.26
CA LYS C 98 7.67 1.96 -28.12
C LYS C 98 7.20 0.90 -27.12
N PHE C 99 6.51 -0.13 -27.61
CA PHE C 99 5.98 -1.20 -26.77
C PHE C 99 7.06 -1.83 -25.89
N GLU C 100 8.24 -2.02 -26.47
CA GLU C 100 9.38 -2.63 -25.79
C GLU C 100 9.87 -1.78 -24.61
N LEU C 101 9.92 -0.46 -24.81
CA LEU C 101 10.31 0.47 -23.76
C LEU C 101 9.32 0.43 -22.59
N VAL C 102 8.03 0.44 -22.92
CA VAL C 102 6.95 0.45 -21.93
C VAL C 102 6.92 -0.86 -21.14
N ASP C 103 7.08 -1.97 -21.84
CA ASP C 103 7.12 -3.30 -21.23
C ASP C 103 8.26 -3.43 -20.21
N LYS C 104 9.43 -2.90 -20.57
CA LYS C 104 10.62 -2.99 -19.72
C LYS C 104 10.81 -1.77 -18.81
N LEU C 105 9.79 -0.91 -18.73
CA LEU C 105 9.85 0.32 -17.95
C LEU C 105 9.92 0.04 -16.45
N GLN C 106 10.86 0.71 -15.79
CA GLN C 106 11.04 0.63 -14.35
C GLN C 106 10.39 1.84 -13.70
N LEU C 107 10.05 1.73 -12.42
CA LEU C 107 9.41 2.82 -11.69
C LEU C 107 10.17 4.13 -11.75
N ASP C 108 11.51 4.07 -11.69
CA ASP C 108 12.34 5.27 -11.76
C ASP C 108 12.39 5.88 -13.17
N GLY C 109 11.85 5.16 -14.15
CA GLY C 109 11.72 5.67 -15.51
C GLY C 109 10.43 6.45 -15.75
N LEU C 110 9.56 6.51 -14.74
CA LEU C 110 8.29 7.23 -14.83
C LEU C 110 8.47 8.72 -15.11
N LYS C 111 9.53 9.31 -14.55
CA LYS C 111 9.81 10.72 -14.75
C LYS C 111 10.17 11.07 -16.20
N ASP C 112 10.80 10.13 -16.91
CA ASP C 112 11.08 10.27 -18.34
C ASP C 112 9.80 10.27 -19.16
N ILE C 113 8.84 9.44 -18.75
CA ILE C 113 7.53 9.37 -19.40
C ILE C 113 6.80 10.70 -19.21
N GLU C 114 6.85 11.22 -17.99
CA GLU C 114 6.26 12.52 -17.63
C GLU C 114 6.82 13.66 -18.51
N ARG C 115 8.13 13.68 -18.67
CA ARG C 115 8.81 14.67 -19.52
C ARG C 115 8.37 14.54 -20.98
N ALA C 116 8.30 13.30 -21.47
CA ALA C 116 7.89 13.02 -22.85
C ALA C 116 6.47 13.48 -23.14
N LEU C 117 5.60 13.42 -22.14
CA LEU C 117 4.21 13.86 -22.27
C LEU C 117 4.02 15.35 -21.99
N GLY C 118 4.96 15.92 -21.23
CA GLY C 118 4.92 17.34 -20.87
C GLY C 118 4.03 17.64 -19.67
N VAL C 119 3.75 16.64 -18.85
CA VAL C 119 2.91 16.84 -17.67
C VAL C 119 3.71 17.41 -16.49
N ASP C 120 3.02 18.21 -15.68
CA ASP C 120 3.63 18.89 -14.53
C ASP C 120 4.24 17.93 -13.50
N GLN C 121 5.28 18.39 -12.82
CA GLN C 121 6.00 17.60 -11.81
C GLN C 121 5.08 17.01 -10.74
N LEU C 122 4.09 17.81 -10.32
CA LEU C 122 3.17 17.44 -9.25
C LEU C 122 3.89 17.51 -7.91
N ASP C 123 3.65 18.58 -7.17
CA ASP C 123 4.22 18.77 -5.84
C ASP C 123 3.33 18.08 -4.80
N THR C 124 3.51 16.77 -4.64
CA THR C 124 2.64 15.99 -3.76
C THR C 124 2.85 16.30 -2.28
N ALA C 125 1.73 16.54 -1.59
CA ALA C 125 1.74 16.95 -0.19
C ALA C 125 2.19 15.83 0.75
N SER C 126 2.32 16.17 2.03
CA SER C 126 2.65 15.23 3.09
C SER C 126 2.18 15.84 4.40
N ILE C 127 1.83 15.01 5.37
CA ILE C 127 1.61 15.55 6.70
C ILE C 127 2.35 14.80 7.81
N HIS C 128 2.81 15.60 8.77
CA HIS C 128 3.38 15.13 10.00
C HIS C 128 2.24 14.54 10.84
N PRO C 129 2.31 13.25 11.18
CA PRO C 129 1.25 12.54 11.92
C PRO C 129 0.75 13.24 13.18
N SER C 130 1.67 13.89 13.92
CA SER C 130 1.34 14.59 15.18
C SER C 130 0.39 15.77 15.02
N ARG C 131 0.21 16.24 13.78
CA ARG C 131 -0.59 17.45 13.55
C ARG C 131 -2.09 17.16 13.60
N PRO C 132 -2.90 18.18 13.94
CA PRO C 132 -4.35 17.97 13.97
C PRO C 132 -4.88 17.38 12.67
N LEU C 133 -5.77 16.41 12.80
CA LEU C 133 -6.45 15.79 11.67
C LEU C 133 -7.14 16.82 10.76
N PHE C 134 -7.73 17.85 11.36
CA PHE C 134 -8.36 18.95 10.63
C PHE C 134 -7.44 19.54 9.55
N GLU C 135 -6.14 19.62 9.87
CA GLU C 135 -5.16 20.16 8.94
C GLU C 135 -4.87 19.21 7.79
N ALA C 136 -4.92 17.91 8.06
CA ALA C 136 -4.75 16.90 7.02
C ALA C 136 -5.94 16.90 6.08
N CYS C 137 -7.11 17.20 6.63
CA CYS C 137 -8.33 17.34 5.85
C CYS C 137 -8.22 18.49 4.84
N LEU C 138 -7.76 19.66 5.30
CA LEU C 138 -7.59 20.83 4.42
C LEU C 138 -6.67 20.52 3.23
N LYS C 139 -5.58 19.81 3.52
CA LYS C 139 -4.64 19.38 2.50
C LYS C 139 -5.23 18.34 1.53
N MET C 140 -6.19 17.55 2.00
CA MET C 140 -6.87 16.55 1.18
C MET C 140 -7.70 17.12 0.04
N LEU C 141 -8.15 18.37 0.21
CA LEU C 141 -8.95 19.05 -0.79
C LEU C 141 -8.12 19.45 -2.02
N GLU C 142 -6.81 19.25 -1.93
CA GLU C 142 -5.87 19.58 -3.02
C GLU C 142 -5.38 18.36 -3.79
N SER C 143 -5.43 17.20 -3.14
CA SER C 143 -5.06 15.95 -3.79
C SER C 143 -6.15 15.52 -4.76
N ARG C 144 -5.75 15.15 -5.98
CA ARG C 144 -6.67 14.60 -6.97
C ARG C 144 -6.62 13.07 -6.91
N SER C 145 -5.54 12.56 -6.34
CA SER C 145 -5.40 11.13 -6.06
C SER C 145 -6.29 10.72 -4.90
N GLY C 146 -6.45 11.63 -3.94
CA GLY C 146 -7.20 11.35 -2.71
C GLY C 146 -6.34 10.72 -1.63
N ARG C 147 -5.05 10.53 -1.92
CA ARG C 147 -4.09 9.96 -0.99
C ARG C 147 -3.00 10.96 -0.63
N ILE C 148 -2.69 11.06 0.66
CA ILE C 148 -1.54 11.83 1.13
C ILE C 148 -0.68 11.00 2.09
N PRO C 149 0.63 10.89 1.80
CA PRO C 149 1.56 10.16 2.67
C PRO C 149 1.70 10.78 4.06
N LEU C 150 1.69 9.94 5.09
CA LEU C 150 2.04 10.34 6.45
C LEU C 150 3.54 10.19 6.62
N ILE C 151 4.20 11.30 6.95
CA ILE C 151 5.66 11.33 6.96
C ILE C 151 6.20 11.93 8.25
N ASP C 152 7.16 11.22 8.85
CA ASP C 152 7.84 11.68 10.05
C ASP C 152 9.37 11.70 9.82
N GLN C 153 10.12 12.02 10.87
CA GLN C 153 11.57 12.08 10.82
C GLN C 153 12.19 10.93 11.61
N ASP C 154 13.11 10.21 10.98
CA ASP C 154 13.82 9.10 11.63
C ASP C 154 14.69 9.67 12.74
N GLU C 155 14.47 9.16 13.96
CA GLU C 155 15.10 9.71 15.17
C GLU C 155 16.62 9.57 15.23
N GLU C 156 17.19 8.79 14.30
CA GLU C 156 18.64 8.58 14.24
C GLU C 156 19.30 9.12 12.97
N THR C 157 18.66 8.95 11.81
CA THR C 157 19.23 9.39 10.54
C THR C 157 18.75 10.77 10.08
N HIS C 158 17.76 11.31 10.80
CA HIS C 158 17.09 12.57 10.45
C HIS C 158 16.40 12.52 9.08
N ARG C 159 16.41 11.34 8.47
CA ARG C 159 15.80 11.12 7.16
C ARG C 159 14.27 11.23 7.23
N GLU C 160 13.69 11.79 6.17
CA GLU C 160 12.24 11.87 6.02
C GLU C 160 11.70 10.50 5.63
N ILE C 161 10.74 9.99 6.41
CA ILE C 161 10.28 8.59 6.29
C ILE C 161 8.76 8.41 6.31
N VAL C 162 8.27 7.46 5.52
CA VAL C 162 6.82 7.23 5.37
C VAL C 162 6.27 6.32 6.46
N VAL C 163 5.22 6.79 7.12
CA VAL C 163 4.59 6.09 8.22
C VAL C 163 3.35 5.35 7.75
N SER C 164 2.57 6.00 6.88
CA SER C 164 1.39 5.41 6.26
C SER C 164 0.91 6.30 5.12
N VAL C 165 -0.21 5.91 4.53
CA VAL C 165 -0.87 6.73 3.50
C VAL C 165 -2.32 6.99 3.95
N LEU C 166 -2.66 8.26 4.10
CA LEU C 166 -4.00 8.65 4.52
C LEU C 166 -4.86 8.91 3.29
N THR C 167 -6.07 8.34 3.28
CA THR C 167 -7.04 8.56 2.20
C THR C 167 -8.26 9.35 2.72
N GLN C 168 -8.97 10.01 1.81
CA GLN C 168 -10.21 10.71 2.13
C GLN C 168 -11.26 9.75 2.67
N TYR C 169 -11.35 8.55 2.06
CA TYR C 169 -12.30 7.56 2.53
C TYR C 169 -12.06 7.24 4.00
N ARG C 170 -10.79 6.99 4.35
CA ARG C 170 -10.41 6.60 5.70
C ARG C 170 -10.73 7.69 6.72
N ILE C 171 -10.51 8.96 6.37
CA ILE C 171 -10.87 10.07 7.27
C ILE C 171 -12.39 10.08 7.50
N LEU C 172 -13.14 10.05 6.42
CA LEU C 172 -14.60 10.11 6.52
C LEU C 172 -15.20 8.89 7.24
N LYS C 173 -14.57 7.73 7.06
CA LYS C 173 -14.98 6.55 7.81
C LYS C 173 -14.62 6.67 9.30
N PHE C 174 -13.45 7.21 9.59
CA PHE C 174 -13.00 7.49 10.96
C PHE C 174 -13.96 8.46 11.67
N VAL C 175 -14.37 9.49 10.95
CA VAL C 175 -15.38 10.43 11.43
C VAL C 175 -16.70 9.70 11.72
N ALA C 176 -17.23 9.00 10.70
CA ALA C 176 -18.51 8.30 10.81
C ALA C 176 -18.55 7.32 11.98
N LEU C 177 -17.49 6.52 12.11
CA LEU C 177 -17.41 5.53 13.18
C LEU C 177 -17.40 6.15 14.59
N ASN C 178 -16.75 7.31 14.73
CA ASN C 178 -16.59 7.96 16.04
C ASN C 178 -17.60 9.07 16.34
N CYS C 179 -18.33 9.53 15.32
CA CYS C 179 -19.30 10.61 15.49
C CYS C 179 -20.70 10.20 15.01
N ARG C 180 -21.44 9.53 15.90
CA ARG C 180 -22.80 9.11 15.58
C ARG C 180 -23.79 10.26 15.46
N GLU C 181 -23.32 11.48 15.81
CA GLU C 181 -24.06 12.72 15.59
C GLU C 181 -24.37 12.97 14.12
N THR C 182 -23.72 12.23 13.22
CA THR C 182 -24.03 12.30 11.79
C THR C 182 -25.52 12.11 11.50
N HIS C 183 -26.20 11.34 12.35
CA HIS C 183 -27.65 11.13 12.23
C HIS C 183 -28.46 12.43 12.14
N PHE C 184 -28.00 13.47 12.83
CA PHE C 184 -28.72 14.75 12.89
C PHE C 184 -28.41 15.69 11.73
N LEU C 185 -27.70 15.18 10.72
CA LEU C 185 -27.48 15.91 9.48
C LEU C 185 -28.66 15.67 8.51
N LYS C 186 -29.82 16.25 8.84
CA LYS C 186 -31.08 15.94 8.17
C LYS C 186 -31.47 16.90 7.05
N ILE C 187 -30.67 17.93 6.80
CA ILE C 187 -30.93 18.87 5.72
C ILE C 187 -30.64 18.20 4.37
N PRO C 188 -31.63 18.18 3.45
CA PRO C 188 -31.41 17.56 2.15
C PRO C 188 -30.22 18.19 1.43
N ILE C 189 -29.36 17.35 0.86
CA ILE C 189 -28.13 17.82 0.20
C ILE C 189 -28.42 18.86 -0.88
N GLY C 190 -29.63 18.82 -1.43
CA GLY C 190 -30.10 19.79 -2.42
C GLY C 190 -30.20 21.21 -1.88
N ASP C 191 -30.47 21.35 -0.58
CA ASP C 191 -30.57 22.66 0.07
C ASP C 191 -29.24 23.14 0.65
N LEU C 192 -28.18 22.35 0.48
CA LEU C 192 -26.87 22.68 1.05
C LEU C 192 -25.91 23.34 0.06
N ASN C 193 -26.16 23.15 -1.24
CA ASN C 193 -25.29 23.67 -2.31
C ASN C 193 -23.87 23.09 -2.23
N ILE C 194 -23.79 21.77 -2.15
CA ILE C 194 -22.51 21.06 -2.06
C ILE C 194 -22.28 20.15 -3.27
N ILE C 195 -23.35 19.91 -4.02
CA ILE C 195 -23.29 19.08 -5.22
C ILE C 195 -22.71 19.90 -6.37
N THR C 196 -21.79 19.32 -7.13
CA THR C 196 -21.34 19.95 -8.35
C THR C 196 -22.26 19.53 -9.50
N GLN C 197 -22.81 20.52 -10.19
CA GLN C 197 -23.81 20.30 -11.24
C GLN C 197 -23.39 20.90 -12.57
N ASP C 198 -22.66 22.01 -12.51
CA ASP C 198 -22.20 22.70 -13.71
C ASP C 198 -21.00 21.99 -14.31
N ASN C 199 -20.94 21.99 -15.65
CA ASN C 199 -19.79 21.46 -16.39
C ASN C 199 -19.48 19.99 -16.07
N MET C 200 -20.52 19.16 -16.01
CA MET C 200 -20.35 17.73 -15.79
C MET C 200 -19.64 17.08 -16.97
N LYS C 201 -18.48 16.49 -16.71
CA LYS C 201 -17.76 15.72 -17.73
C LYS C 201 -18.36 14.33 -17.79
N SER C 202 -18.91 13.97 -18.95
CA SER C 202 -19.50 12.66 -19.16
C SER C 202 -19.22 12.10 -20.55
N CYS C 203 -19.49 10.81 -20.72
CA CYS C 203 -19.34 10.14 -22.01
C CYS C 203 -20.48 9.16 -22.22
N GLN C 204 -20.46 8.45 -23.35
CA GLN C 204 -21.44 7.43 -23.67
C GLN C 204 -20.74 6.08 -23.79
N MET C 205 -21.52 5.01 -23.90
CA MET C 205 -20.99 3.64 -23.95
C MET C 205 -20.11 3.34 -25.16
N THR C 206 -20.33 4.07 -26.26
CA THR C 206 -19.60 3.83 -27.51
C THR C 206 -18.31 4.65 -27.62
N THR C 207 -18.12 5.58 -26.70
CA THR C 207 -16.90 6.39 -26.64
C THR C 207 -15.67 5.50 -26.40
N PRO C 208 -14.63 5.66 -27.25
CA PRO C 208 -13.36 4.94 -27.03
C PRO C 208 -12.76 5.23 -25.65
N VAL C 209 -12.26 4.19 -24.99
CA VAL C 209 -11.79 4.27 -23.61
C VAL C 209 -10.64 5.28 -23.43
N ILE C 210 -9.82 5.42 -24.48
CA ILE C 210 -8.69 6.34 -24.47
C ILE C 210 -9.14 7.81 -24.36
N ASP C 211 -10.30 8.11 -24.92
CA ASP C 211 -10.89 9.45 -24.84
C ASP C 211 -11.39 9.70 -23.41
N VAL C 212 -11.98 8.66 -22.81
CA VAL C 212 -12.45 8.72 -21.42
C VAL C 212 -11.28 8.94 -20.47
N ILE C 213 -10.17 8.26 -20.74
CA ILE C 213 -8.95 8.40 -19.96
C ILE C 213 -8.38 9.81 -20.04
N GLN C 214 -8.46 10.42 -21.23
CA GLN C 214 -8.05 11.82 -21.42
C GLN C 214 -8.89 12.78 -20.57
N MET C 215 -10.17 12.47 -20.43
CA MET C 215 -11.07 13.29 -19.60
C MET C 215 -10.69 13.28 -18.12
N LEU C 216 -10.13 12.17 -17.65
CA LEU C 216 -9.72 12.03 -16.25
C LEU C 216 -8.64 13.03 -15.84
N THR C 217 -7.60 13.16 -16.67
CA THR C 217 -6.50 14.09 -16.37
C THR C 217 -6.78 15.51 -16.82
N GLN C 218 -7.47 15.68 -17.94
CA GLN C 218 -7.80 17.00 -18.47
C GLN C 218 -8.84 17.76 -17.63
N GLY C 219 -9.69 17.00 -16.93
CA GLY C 219 -10.73 17.59 -16.09
C GLY C 219 -10.38 17.60 -14.62
N ARG C 220 -9.28 16.93 -14.26
CA ARG C 220 -8.88 16.72 -12.87
C ARG C 220 -9.98 16.02 -12.05
N VAL C 221 -10.54 14.97 -12.63
CA VAL C 221 -11.59 14.18 -11.96
C VAL C 221 -11.20 12.71 -11.81
N SER C 222 -11.78 12.05 -10.80
CA SER C 222 -11.47 10.67 -10.48
C SER C 222 -12.32 9.69 -11.27
N SER C 223 -13.43 10.18 -11.83
CA SER C 223 -14.35 9.33 -12.57
C SER C 223 -15.14 10.08 -13.65
N VAL C 224 -15.65 9.32 -14.61
CA VAL C 224 -16.48 9.86 -15.69
C VAL C 224 -17.80 9.08 -15.76
N PRO C 225 -18.92 9.77 -15.45
CA PRO C 225 -20.24 9.16 -15.57
C PRO C 225 -20.58 8.80 -17.02
N ILE C 226 -21.21 7.65 -17.22
CA ILE C 226 -21.60 7.19 -18.54
C ILE C 226 -23.11 7.24 -18.68
N ILE C 227 -23.56 8.01 -19.65
CA ILE C 227 -24.98 8.26 -19.88
C ILE C 227 -25.40 7.85 -21.28
N ASP C 228 -26.70 7.65 -21.49
CA ASP C 228 -27.25 7.44 -22.82
C ASP C 228 -27.63 8.79 -23.45
N GLU C 229 -28.15 8.74 -24.67
CA GLU C 229 -28.53 9.94 -25.42
C GLU C 229 -29.50 10.86 -24.66
N ASN C 230 -30.41 10.26 -23.89
CA ASN C 230 -31.42 11.00 -23.13
C ASN C 230 -31.01 11.39 -21.70
N GLY C 231 -29.75 11.14 -21.35
CA GLY C 231 -29.19 11.61 -20.09
C GLY C 231 -29.34 10.68 -18.91
N TYR C 232 -29.83 9.46 -19.15
CA TYR C 232 -29.94 8.44 -18.12
C TYR C 232 -28.57 7.90 -17.74
N LEU C 233 -28.28 7.85 -16.44
CA LEU C 233 -27.01 7.33 -15.95
C LEU C 233 -26.98 5.82 -16.02
N ILE C 234 -25.97 5.29 -16.72
CA ILE C 234 -25.88 3.85 -16.99
C ILE C 234 -24.73 3.20 -16.22
N ASN C 235 -23.57 3.84 -16.24
CA ASN C 235 -22.37 3.32 -15.58
C ASN C 235 -21.40 4.48 -15.33
N VAL C 236 -20.20 4.13 -14.84
CA VAL C 236 -19.13 5.12 -14.63
C VAL C 236 -17.80 4.49 -15.01
N TYR C 237 -16.87 5.31 -15.48
CA TYR C 237 -15.49 4.88 -15.65
C TYR C 237 -14.59 5.60 -14.66
N GLU C 238 -13.88 4.81 -13.86
CA GLU C 238 -13.05 5.32 -12.77
C GLU C 238 -11.57 5.23 -13.11
N ALA C 239 -10.76 6.09 -12.50
CA ALA C 239 -9.30 5.99 -12.57
C ALA C 239 -8.82 4.59 -12.13
N TYR C 240 -9.49 4.01 -11.14
CA TYR C 240 -9.15 2.66 -10.64
C TYR C 240 -9.20 1.60 -11.74
N ASP C 241 -10.16 1.74 -12.66
CA ASP C 241 -10.35 0.78 -13.77
C ASP C 241 -9.14 0.65 -14.68
N VAL C 242 -8.33 1.70 -14.70
CA VAL C 242 -7.12 1.76 -15.53
C VAL C 242 -6.13 0.65 -15.18
N LEU C 243 -6.13 0.23 -13.92
CA LEU C 243 -5.21 -0.80 -13.44
C LEU C 243 -5.49 -2.14 -14.11
N GLY C 244 -6.77 -2.50 -14.19
CA GLY C 244 -7.20 -3.71 -14.89
C GLY C 244 -7.03 -3.60 -16.39
N LEU C 245 -7.12 -2.38 -16.91
CA LEU C 245 -6.97 -2.11 -18.35
C LEU C 245 -5.55 -2.39 -18.86
N ILE C 246 -4.55 -2.09 -18.05
CA ILE C 246 -3.15 -2.36 -18.39
C ILE C 246 -2.83 -3.84 -18.22
N LYS C 247 -3.42 -4.45 -17.19
CA LYS C 247 -3.22 -5.86 -16.90
C LYS C 247 -3.68 -6.75 -18.06
N GLY C 248 -4.84 -6.43 -18.62
CA GLY C 248 -5.45 -7.21 -19.69
C GLY C 248 -5.02 -6.85 -21.10
N GLY C 249 -3.80 -6.34 -21.23
CA GLY C 249 -3.22 -6.02 -22.54
C GLY C 249 -3.45 -4.58 -22.96
N ILE C 250 -2.36 -3.80 -22.99
CA ILE C 250 -2.41 -2.40 -23.41
C ILE C 250 -2.49 -2.32 -24.94
N TYR C 251 -1.58 -3.03 -25.60
CA TYR C 251 -1.51 -3.10 -27.07
C TYR C 251 -2.80 -3.61 -27.71
N ASN C 252 -3.57 -4.34 -26.90
CA ASN C 252 -4.80 -4.97 -27.36
C ASN C 252 -5.97 -3.98 -27.43
N ASP C 253 -6.08 -3.13 -26.42
CA ASP C 253 -7.24 -2.23 -26.25
C ASP C 253 -6.98 -0.80 -26.71
N LEU C 254 -6.20 -0.62 -27.78
CA LEU C 254 -5.93 0.71 -28.33
C LEU C 254 -7.21 1.45 -28.73
N SER C 255 -8.02 0.80 -29.58
CA SER C 255 -9.27 1.39 -30.04
C SER C 255 -10.44 0.53 -29.56
N LEU C 256 -10.57 0.44 -28.23
CA LEU C 256 -11.67 -0.26 -27.60
C LEU C 256 -12.63 0.76 -27.01
N SER C 257 -13.92 0.49 -27.08
CA SER C 257 -14.92 1.38 -26.49
C SER C 257 -14.96 1.20 -24.97
N VAL C 258 -15.38 2.25 -24.26
CA VAL C 258 -15.49 2.19 -22.80
C VAL C 258 -16.36 1.00 -22.35
N GLY C 259 -17.50 0.81 -23.01
CA GLY C 259 -18.39 -0.32 -22.76
C GLY C 259 -17.69 -1.66 -22.88
N GLU C 260 -16.81 -1.78 -23.88
CA GLU C 260 -16.05 -3.02 -24.10
C GLU C 260 -14.93 -3.18 -23.06
N ALA C 261 -14.23 -2.09 -22.77
CA ALA C 261 -13.18 -2.08 -21.74
C ALA C 261 -13.73 -2.45 -20.35
N LEU C 262 -14.98 -2.05 -20.09
CA LEU C 262 -15.62 -2.30 -18.81
C LEU C 262 -15.89 -3.78 -18.53
N MET C 263 -15.79 -4.62 -19.56
CA MET C 263 -15.90 -6.07 -19.41
C MET C 263 -14.72 -6.63 -18.64
N ARG C 264 -13.61 -5.89 -18.62
CA ARG C 264 -12.42 -6.30 -17.87
C ARG C 264 -12.59 -6.17 -16.35
N ARG C 265 -13.60 -5.42 -15.92
CA ARG C 265 -13.87 -5.27 -14.49
C ARG C 265 -14.04 -6.62 -13.81
N SER C 266 -13.42 -6.77 -12.63
CA SER C 266 -13.59 -7.96 -11.82
C SER C 266 -15.03 -8.13 -11.38
N ASP C 267 -15.42 -9.38 -11.12
CA ASP C 267 -16.78 -9.67 -10.68
C ASP C 267 -17.07 -9.13 -9.28
N ASP C 268 -16.01 -8.92 -8.49
CA ASP C 268 -16.17 -8.34 -7.15
C ASP C 268 -16.32 -6.81 -7.14
N PHE C 269 -16.40 -6.19 -8.32
CA PHE C 269 -16.69 -4.76 -8.41
C PHE C 269 -17.95 -4.44 -7.60
N GLU C 270 -17.87 -3.45 -6.72
CA GLU C 270 -18.92 -3.19 -5.73
C GLU C 270 -20.06 -2.31 -6.22
N GLY C 271 -19.83 -1.60 -7.32
CA GLY C 271 -20.90 -0.84 -7.94
C GLY C 271 -20.82 0.67 -7.78
N VAL C 272 -21.61 1.36 -8.60
CA VAL C 272 -21.72 2.81 -8.57
C VAL C 272 -22.89 3.22 -7.68
N TYR C 273 -22.62 4.13 -6.76
CA TYR C 273 -23.64 4.64 -5.85
C TYR C 273 -24.38 5.86 -6.38
N THR C 274 -25.69 5.87 -6.20
CA THR C 274 -26.53 6.98 -6.65
C THR C 274 -27.35 7.51 -5.48
N CYS C 275 -27.71 8.79 -5.56
CA CYS C 275 -28.68 9.39 -4.64
C CYS C 275 -29.48 10.46 -5.36
N THR C 276 -30.40 11.11 -4.64
CA THR C 276 -31.16 12.23 -5.18
C THR C 276 -30.93 13.46 -4.30
N LYS C 277 -31.41 14.61 -4.78
CA LYS C 277 -31.31 15.89 -4.04
C LYS C 277 -31.98 15.88 -2.67
N ASN C 278 -32.91 14.94 -2.48
CA ASN C 278 -33.67 14.84 -1.23
C ASN C 278 -32.96 14.02 -0.17
N ASP C 279 -31.89 13.34 -0.56
CA ASP C 279 -31.13 12.54 0.39
C ASP C 279 -30.35 13.41 1.38
N LYS C 280 -30.07 12.84 2.54
CA LYS C 280 -29.46 13.58 3.64
C LYS C 280 -28.05 13.06 3.88
N LEU C 281 -27.19 13.91 4.45
CA LEU C 281 -25.83 13.52 4.79
C LEU C 281 -25.79 12.47 5.90
N SER C 282 -26.84 12.41 6.71
CA SER C 282 -26.97 11.33 7.69
C SER C 282 -26.91 9.96 7.00
N THR C 283 -27.68 9.81 5.93
CA THR C 283 -27.73 8.57 5.17
C THR C 283 -26.41 8.33 4.44
N ILE C 284 -25.87 9.41 3.86
CA ILE C 284 -24.60 9.35 3.14
C ILE C 284 -23.47 8.80 4.02
N MET C 285 -23.36 9.34 5.24
CA MET C 285 -22.33 8.94 6.19
C MET C 285 -22.54 7.50 6.68
N ASP C 286 -23.81 7.09 6.78
CA ASP C 286 -24.15 5.70 7.08
C ASP C 286 -23.64 4.73 6.05
N ASN C 287 -23.73 5.11 4.78
CA ASN C 287 -23.20 4.29 3.69
C ASN C 287 -21.68 4.21 3.73
N ILE C 288 -21.03 5.35 4.02
CA ILE C 288 -19.57 5.42 4.16
C ILE C 288 -19.11 4.57 5.35
N ARG C 289 -19.87 4.64 6.44
CA ARG C 289 -19.64 3.84 7.64
C ARG C 289 -19.56 2.34 7.31
N LYS C 290 -20.39 1.88 6.38
CA LYS C 290 -20.55 0.43 6.13
C LYS C 290 -19.91 -0.13 4.85
N ALA C 291 -19.57 0.74 3.89
CA ALA C 291 -18.96 0.30 2.63
C ALA C 291 -18.02 1.35 2.06
N ARG C 292 -17.06 0.89 1.28
CA ARG C 292 -16.17 1.79 0.55
C ARG C 292 -16.93 2.44 -0.60
N VAL C 293 -17.40 3.66 -0.37
CA VAL C 293 -18.05 4.47 -1.40
C VAL C 293 -17.14 5.67 -1.66
N HIS C 294 -16.86 5.94 -2.93
CA HIS C 294 -15.98 7.03 -3.29
C HIS C 294 -16.74 8.26 -3.78
N ARG C 295 -18.01 8.07 -4.11
CA ARG C 295 -18.86 9.16 -4.59
C ARG C 295 -20.31 8.72 -4.73
N PHE C 296 -21.21 9.68 -4.69
CA PHE C 296 -22.62 9.45 -4.95
C PHE C 296 -23.05 10.32 -6.11
N PHE C 297 -23.42 9.69 -7.22
CA PHE C 297 -23.97 10.41 -8.36
C PHE C 297 -25.43 10.76 -8.11
N VAL C 298 -25.74 12.05 -8.23
CA VAL C 298 -27.09 12.53 -8.00
C VAL C 298 -27.91 12.36 -9.28
N VAL C 299 -29.05 11.68 -9.15
CA VAL C 299 -29.99 11.49 -10.24
C VAL C 299 -31.35 12.09 -9.87
N ASP C 300 -32.17 12.41 -10.87
CA ASP C 300 -33.53 12.87 -10.62
C ASP C 300 -34.46 11.68 -10.36
N ASP C 301 -35.77 11.93 -10.36
CA ASP C 301 -36.78 10.91 -10.06
C ASP C 301 -36.81 9.74 -11.05
N VAL C 302 -36.29 9.95 -12.27
CA VAL C 302 -36.33 8.89 -13.30
C VAL C 302 -34.99 8.25 -13.63
N GLY C 303 -33.91 8.79 -13.08
CA GLY C 303 -32.58 8.20 -13.23
C GLY C 303 -31.66 8.95 -14.15
N ARG C 304 -32.03 10.18 -14.51
CA ARG C 304 -31.17 11.05 -15.31
C ARG C 304 -30.14 11.71 -14.40
N LEU C 305 -28.90 11.77 -14.87
CA LEU C 305 -27.80 12.39 -14.14
C LEU C 305 -27.99 13.89 -14.01
N VAL C 306 -27.96 14.38 -12.77
CA VAL C 306 -28.06 15.82 -12.51
C VAL C 306 -26.78 16.38 -11.86
N GLY C 307 -26.01 15.52 -11.21
CA GLY C 307 -24.78 15.93 -10.54
C GLY C 307 -24.04 14.82 -9.85
N VAL C 308 -22.99 15.19 -9.11
CA VAL C 308 -22.17 14.25 -8.35
C VAL C 308 -21.79 14.84 -6.98
N LEU C 309 -21.77 13.98 -5.98
CA LEU C 309 -21.32 14.33 -4.63
C LEU C 309 -20.18 13.38 -4.25
N THR C 310 -18.95 13.88 -4.34
CA THR C 310 -17.77 13.09 -4.01
C THR C 310 -17.39 13.26 -2.55
N LEU C 311 -16.42 12.46 -2.10
CA LEU C 311 -15.92 12.53 -0.74
C LEU C 311 -15.32 13.89 -0.42
N SER C 312 -14.64 14.51 -1.40
CA SER C 312 -14.07 15.83 -1.24
C SER C 312 -15.14 16.90 -1.04
N ASP C 313 -16.29 16.74 -1.70
CA ASP C 313 -17.43 17.62 -1.48
C ASP C 313 -17.97 17.51 -0.05
N ILE C 314 -17.99 16.29 0.49
CA ILE C 314 -18.47 16.06 1.84
C ILE C 314 -17.50 16.61 2.88
N LEU C 315 -16.22 16.33 2.70
CA LEU C 315 -15.17 16.91 3.54
C LEU C 315 -15.23 18.45 3.52
N LYS C 316 -15.33 19.02 2.32
CA LYS C 316 -15.41 20.47 2.17
C LYS C 316 -16.60 21.06 2.93
N TYR C 317 -17.75 20.38 2.90
CA TYR C 317 -18.90 20.81 3.68
C TYR C 317 -18.66 20.73 5.18
N ILE C 318 -18.05 19.63 5.62
CA ILE C 318 -17.74 19.44 7.04
C ILE C 318 -16.83 20.56 7.55
N LEU C 319 -15.77 20.84 6.80
CA LEU C 319 -14.77 21.86 7.13
C LEU C 319 -15.27 23.31 6.97
N LEU C 320 -15.88 23.60 5.82
CA LEU C 320 -16.13 24.97 5.37
C LEU C 320 -17.60 25.39 5.37
N GLY C 321 -18.49 24.42 5.33
CA GLY C 321 -19.93 24.69 5.27
C GLY C 321 -20.42 24.91 3.84
N SER C 322 -21.66 25.39 3.72
CA SER C 322 -22.27 25.65 2.43
C SER C 322 -21.65 26.87 1.77
#